data_1M4Z
#
_entry.id   1M4Z
#
_cell.length_a   128.260
_cell.length_b   61.050
_cell.length_c   67.770
_cell.angle_alpha   90.00
_cell.angle_beta   90.00
_cell.angle_gamma   90.00
#
_symmetry.space_group_name_H-M   'P 21 21 2'
#
loop_
_entity.id
_entity.type
_entity.pdbx_description
1 polymer 'ORIGIN RECOGNITION COMPLEX SUBUNIT 1'
2 non-polymer 'MANGANESE (II) ION'
3 water water
#
_entity_poly.entity_id   1
_entity_poly.type   'polypeptide(L)'
_entity_poly.pdbx_seq_one_letter_code
;AMTMAKTLKDLQGWEIITTDEQGNIIDGGQKRLRRRGAKTEHYLKRSSDGIKLGRGDSVVMHNEAAGTYSVYMIQELRLN
TLNNVVELWALTYLRWFEVNPLAHYRQFNPDANILNRPLNYYNKLFSETANKNELYLTAELAELQLFNFIRVANVMDGSK
WEVLKGNVDPERDFTVRYICEPTGEKFVDINIEDVKAYIKKVEPREAQEYLKDLTLPSKKKEIKRGPQKKDKATQTAQ
;
_entity_poly.pdbx_strand_id   A,B
#
# COMPACT_ATOMS: atom_id res chain seq x y z
N ALA A 1 18.59 -12.35 32.82
CA ALA A 1 17.47 -11.75 32.03
C ALA A 1 17.98 -11.19 30.71
N MET A 2 17.22 -11.40 29.64
CA MET A 2 17.60 -10.91 28.32
C MET A 2 17.34 -9.41 28.19
N THR A 3 18.41 -8.63 28.20
CA THR A 3 18.29 -7.19 28.06
C THR A 3 18.10 -6.88 26.57
N MET A 4 16.87 -6.53 26.19
CA MET A 4 16.57 -6.23 24.78
C MET A 4 16.99 -4.82 24.35
N ALA A 5 17.62 -4.72 23.19
CA ALA A 5 18.08 -3.44 22.66
C ALA A 5 16.86 -2.61 22.25
N LYS A 6 16.93 -1.31 22.50
CA LYS A 6 15.84 -0.41 22.16
C LYS A 6 16.32 0.77 21.32
N THR A 7 15.35 1.52 20.79
CA THR A 7 15.64 2.71 20.00
C THR A 7 14.73 3.81 20.54
N LEU A 8 15.11 5.06 20.33
CA LEU A 8 14.33 6.19 20.82
C LEU A 8 12.84 6.03 20.52
N LYS A 9 12.53 5.44 19.38
CA LYS A 9 11.16 5.22 18.96
C LYS A 9 10.37 4.42 20.03
N ASP A 10 11.07 3.57 20.76
CA ASP A 10 10.45 2.74 21.79
C ASP A 10 10.00 3.52 23.02
N LEU A 11 10.44 4.76 23.14
CA LEU A 11 10.07 5.59 24.28
C LEU A 11 8.64 6.11 24.15
N GLN A 12 8.19 6.30 22.93
CA GLN A 12 6.84 6.80 22.67
C GLN A 12 5.76 5.91 23.26
N GLY A 13 5.96 4.60 23.15
CA GLY A 13 5.01 3.65 23.68
C GLY A 13 3.59 3.74 23.12
N TRP A 14 3.42 3.44 21.84
CA TRP A 14 2.08 3.47 21.24
C TRP A 14 1.27 2.32 21.83
N GLU A 15 0.13 2.67 22.41
CA GLU A 15 -0.74 1.70 23.03
C GLU A 15 -1.97 1.38 22.20
N ILE A 16 -2.40 0.12 22.24
CA ILE A 16 -3.58 -0.33 21.52
C ILE A 16 -4.75 -0.32 22.49
N ILE A 17 -5.69 0.59 22.27
CA ILE A 17 -6.87 0.69 23.13
C ILE A 17 -8.07 0.11 22.43
N THR A 18 -8.58 -1.00 22.94
CA THR A 18 -9.74 -1.66 22.35
C THR A 18 -11.01 -1.24 23.06
N THR A 19 -12.11 -1.13 22.31
CA THR A 19 -13.39 -0.74 22.87
C THR A 19 -14.54 -1.52 22.22
N ASP A 20 -15.72 -1.39 22.80
CA ASP A 20 -16.92 -2.05 22.27
C ASP A 20 -17.64 -1.07 21.37
N GLU A 21 -18.74 -1.50 20.77
CA GLU A 21 -19.53 -0.68 19.86
C GLU A 21 -19.61 0.81 20.20
N GLN A 22 -19.49 1.16 21.48
CA GLN A 22 -19.56 2.58 21.87
C GLN A 22 -18.64 2.95 23.04
N GLY A 23 -18.64 2.13 24.08
CA GLY A 23 -17.80 2.41 25.24
C GLY A 23 -16.33 2.09 25.06
N ASN A 24 -15.74 1.45 26.06
CA ASN A 24 -14.33 1.07 26.03
C ASN A 24 -14.13 -0.38 26.43
N ILE A 25 -12.98 -0.69 27.02
CA ILE A 25 -12.67 -2.04 27.45
C ILE A 25 -12.73 -3.03 26.28
N THR A 40 -15.78 -5.22 17.97
CA THR A 40 -14.78 -4.42 18.68
C THR A 40 -14.19 -3.35 17.77
N GLU A 41 -13.66 -2.30 18.38
CA GLU A 41 -13.04 -1.22 17.62
C GLU A 41 -11.77 -0.78 18.34
N HIS A 42 -10.66 -0.80 17.62
CA HIS A 42 -9.38 -0.41 18.18
C HIS A 42 -8.98 0.99 17.77
N TYR A 43 -8.06 1.57 18.54
CA TYR A 43 -7.51 2.88 18.24
C TYR A 43 -6.16 2.95 18.93
N LEU A 44 -5.24 3.71 18.35
CA LEU A 44 -3.89 3.83 18.89
C LEU A 44 -3.69 5.07 19.73
N LYS A 45 -3.01 4.91 20.86
CA LYS A 45 -2.76 6.04 21.73
C LYS A 45 -1.28 6.08 22.07
N ARG A 46 -0.66 7.23 21.83
CA ARG A 46 0.75 7.42 22.11
C ARG A 46 0.89 7.88 23.57
N SER A 47 1.57 7.06 24.37
CA SER A 47 1.78 7.37 25.78
C SER A 47 2.42 8.73 26.02
N SER A 48 3.54 8.98 25.35
CA SER A 48 4.29 10.23 25.52
C SER A 48 3.49 11.53 25.42
N ASP A 49 2.47 11.58 24.59
CA ASP A 49 1.70 12.83 24.48
C ASP A 49 0.19 12.69 24.42
N GLY A 50 -0.32 11.46 24.51
CA GLY A 50 -1.75 11.26 24.48
C GLY A 50 -2.42 11.24 23.12
N ILE A 51 -1.65 11.52 22.07
CA ILE A 51 -2.21 11.51 20.70
C ILE A 51 -2.95 10.18 20.46
N LYS A 52 -4.16 10.27 19.94
CA LYS A 52 -4.94 9.09 19.65
C LYS A 52 -5.27 9.01 18.17
N LEU A 53 -5.12 7.82 17.59
CA LEU A 53 -5.39 7.63 16.18
C LEU A 53 -6.35 6.46 15.96
N GLY A 54 -7.35 6.70 15.12
CA GLY A 54 -8.32 5.68 14.83
C GLY A 54 -8.96 5.95 13.48
N ARG A 55 -9.76 5.01 12.99
CA ARG A 55 -10.43 5.17 11.71
C ARG A 55 -11.07 6.54 11.57
N GLY A 56 -10.93 7.14 10.39
CA GLY A 56 -11.54 8.44 10.17
C GLY A 56 -10.61 9.59 10.42
N ASP A 57 -9.56 9.36 11.20
CA ASP A 57 -8.61 10.41 11.50
C ASP A 57 -7.65 10.58 10.32
N SER A 58 -7.43 11.82 9.92
CA SER A 58 -6.51 12.08 8.83
C SER A 58 -5.15 12.43 9.44
N VAL A 59 -4.09 11.93 8.83
CA VAL A 59 -2.75 12.16 9.37
C VAL A 59 -1.70 12.63 8.37
N VAL A 60 -0.80 13.48 8.87
CA VAL A 60 0.31 13.98 8.05
C VAL A 60 1.45 13.03 8.37
N MET A 61 1.97 12.37 7.34
CA MET A 61 3.04 11.40 7.52
C MET A 61 4.24 11.82 6.70
N HIS A 62 5.44 11.48 7.16
CA HIS A 62 6.60 11.82 6.38
C HIS A 62 6.65 10.80 5.24
N ASN A 63 6.84 11.28 4.02
CA ASN A 63 6.92 10.41 2.85
C ASN A 63 8.30 10.59 2.25
N GLU A 64 9.24 9.76 2.67
CA GLU A 64 10.60 9.91 2.19
C GLU A 64 10.78 9.68 0.70
N ALA A 65 9.88 8.91 0.08
CA ALA A 65 9.94 8.68 -1.36
C ALA A 65 9.62 10.00 -2.07
N ALA A 66 8.77 10.81 -1.46
CA ALA A 66 8.38 12.11 -2.02
C ALA A 66 9.24 13.26 -1.52
N GLY A 67 10.03 13.00 -0.47
CA GLY A 67 10.88 14.07 0.07
C GLY A 67 10.07 15.16 0.72
N THR A 68 8.87 14.82 1.16
CA THR A 68 7.98 15.79 1.79
C THR A 68 6.91 14.97 2.51
N TYR A 69 5.83 15.60 2.97
CA TYR A 69 4.80 14.84 3.66
C TYR A 69 3.67 14.41 2.74
N SER A 70 2.90 13.42 3.20
CA SER A 70 1.74 12.93 2.49
C SER A 70 0.67 12.88 3.56
N VAL A 71 -0.59 12.95 3.16
CA VAL A 71 -1.68 12.90 4.13
C VAL A 71 -2.59 11.71 3.81
N TYR A 72 -3.08 11.06 4.86
CA TYR A 72 -3.95 9.90 4.70
C TYR A 72 -5.09 9.94 5.70
N MET A 73 -6.14 9.17 5.44
CA MET A 73 -7.25 9.06 6.37
C MET A 73 -7.23 7.62 6.83
N ILE A 74 -6.85 7.40 8.08
CA ILE A 74 -6.80 6.05 8.62
C ILE A 74 -8.09 5.32 8.27
N GLN A 75 -7.96 4.12 7.75
CA GLN A 75 -9.11 3.35 7.34
C GLN A 75 -9.20 2.00 8.04
N GLU A 76 -8.09 1.55 8.62
CA GLU A 76 -8.11 0.30 9.35
C GLU A 76 -6.91 0.09 10.26
N LEU A 77 -7.21 -0.29 11.50
CA LEU A 77 -6.18 -0.62 12.47
C LEU A 77 -6.28 -2.13 12.55
N ARG A 78 -5.36 -2.81 11.87
CA ARG A 78 -5.35 -4.26 11.82
C ARG A 78 -4.52 -4.85 12.97
N LEU A 79 -5.20 -5.58 13.86
CA LEU A 79 -4.52 -6.16 15.01
C LEU A 79 -4.31 -7.66 14.91
N ASN A 80 -3.09 -8.09 15.15
CA ASN A 80 -2.74 -9.51 15.15
C ASN A 80 -2.75 -9.90 16.62
N THR A 81 -3.84 -10.53 17.04
CA THR A 81 -4.00 -10.93 18.44
C THR A 81 -2.95 -11.92 18.93
N LEU A 82 -2.27 -12.60 18.02
CA LEU A 82 -1.26 -13.57 18.40
C LEU A 82 0.04 -12.95 18.87
N ASN A 83 0.28 -11.69 18.52
CA ASN A 83 1.51 -11.03 18.93
C ASN A 83 1.43 -9.51 19.00
N ASN A 84 0.23 -8.97 19.01
CA ASN A 84 0.04 -7.53 19.10
C ASN A 84 0.69 -6.71 17.99
N VAL A 85 1.08 -7.36 16.90
CA VAL A 85 1.65 -6.65 15.78
C VAL A 85 0.49 -5.91 15.13
N VAL A 86 0.67 -4.61 14.90
CA VAL A 86 -0.39 -3.81 14.31
C VAL A 86 -0.03 -3.28 12.92
N GLU A 87 -1.02 -3.20 12.05
CA GLU A 87 -0.83 -2.64 10.72
C GLU A 87 -1.80 -1.49 10.61
N LEU A 88 -1.29 -0.32 10.24
CA LEU A 88 -2.12 0.85 10.08
C LEU A 88 -2.34 1.08 8.59
N TRP A 89 -3.59 0.95 8.15
CA TRP A 89 -3.92 1.15 6.75
C TRP A 89 -4.73 2.43 6.59
N ALA A 90 -4.46 3.17 5.52
CA ALA A 90 -5.13 4.45 5.32
C ALA A 90 -5.40 4.83 3.88
N LEU A 91 -6.48 5.58 3.67
CA LEU A 91 -6.85 6.06 2.35
C LEU A 91 -5.86 7.16 2.02
N THR A 92 -5.33 7.11 0.80
CA THR A 92 -4.34 8.09 0.36
C THR A 92 -4.93 9.36 -0.23
N TYR A 93 -4.53 10.51 0.30
CA TYR A 93 -4.98 11.78 -0.28
C TYR A 93 -3.92 12.18 -1.29
N LEU A 94 -4.32 12.97 -2.27
CA LEU A 94 -3.37 13.48 -3.24
C LEU A 94 -3.12 14.93 -2.86
N ARG A 95 -1.91 15.41 -3.07
CA ARG A 95 -1.64 16.82 -2.80
C ARG A 95 -1.72 17.52 -4.16
N TRP A 96 -1.75 18.84 -4.16
CA TRP A 96 -1.88 19.59 -5.40
C TRP A 96 -0.97 19.17 -6.54
N PHE A 97 0.28 18.85 -6.24
CA PHE A 97 1.22 18.47 -7.30
C PHE A 97 1.01 17.07 -7.87
N GLU A 98 -0.01 16.37 -7.40
CA GLU A 98 -0.31 15.03 -7.90
C GLU A 98 -1.56 15.07 -8.79
N VAL A 99 -2.13 16.26 -8.92
CA VAL A 99 -3.32 16.45 -9.74
C VAL A 99 -2.89 16.53 -11.21
N ASN A 100 -3.70 15.96 -12.10
CA ASN A 100 -3.43 16.04 -13.52
C ASN A 100 -4.12 17.36 -13.89
N PRO A 101 -3.36 18.45 -14.02
CA PRO A 101 -3.90 19.77 -14.34
C PRO A 101 -4.90 19.82 -15.50
N LEU A 102 -4.52 19.27 -16.65
CA LEU A 102 -5.41 19.26 -17.81
C LEU A 102 -6.69 18.51 -17.54
N ALA A 103 -6.57 17.32 -16.97
CA ALA A 103 -7.75 16.52 -16.67
C ALA A 103 -8.66 17.30 -15.74
N HIS A 104 -8.05 18.04 -14.81
CA HIS A 104 -8.81 18.82 -13.86
C HIS A 104 -9.52 19.99 -14.53
N TYR A 105 -8.78 20.75 -15.36
CA TYR A 105 -9.38 21.89 -16.05
C TYR A 105 -10.42 21.49 -17.10
N ARG A 106 -10.25 20.35 -17.73
CA ARG A 106 -11.23 19.91 -18.72
C ARG A 106 -12.57 19.66 -18.04
N GLN A 107 -12.52 19.39 -16.74
CA GLN A 107 -13.73 19.10 -15.99
C GLN A 107 -14.34 20.36 -15.37
N PHE A 108 -13.50 21.34 -15.05
CA PHE A 108 -13.98 22.56 -14.40
C PHE A 108 -13.74 23.89 -15.11
N ASN A 109 -12.94 23.88 -16.17
CA ASN A 109 -12.64 25.12 -16.90
C ASN A 109 -13.02 24.97 -18.37
N PRO A 110 -14.06 25.70 -18.81
CA PRO A 110 -14.52 25.63 -20.20
C PRO A 110 -13.43 25.83 -21.27
N ASP A 111 -12.41 26.63 -20.95
CA ASP A 111 -11.31 26.89 -21.87
C ASP A 111 -10.63 25.60 -22.34
N ALA A 112 -10.48 24.66 -21.40
CA ALA A 112 -9.83 23.39 -21.68
C ALA A 112 -10.50 22.57 -22.78
N ASN A 113 -11.81 22.69 -22.90
CA ASN A 113 -12.54 21.92 -23.92
C ASN A 113 -12.89 22.76 -25.15
N ILE A 114 -13.18 24.03 -24.92
CA ILE A 114 -13.57 24.94 -25.99
C ILE A 114 -12.40 25.52 -26.78
N LEU A 115 -11.38 25.98 -26.07
CA LEU A 115 -10.21 26.54 -26.73
C LEU A 115 -9.17 25.45 -26.95
N ASN A 116 -8.11 25.81 -27.67
CA ASN A 116 -7.02 24.88 -27.96
C ASN A 116 -5.72 25.48 -27.47
N ARG A 117 -5.64 25.77 -26.17
CA ARG A 117 -4.46 26.35 -25.58
C ARG A 117 -3.40 25.27 -25.36
N PRO A 118 -2.12 25.63 -25.43
CA PRO A 118 -1.04 24.66 -25.21
C PRO A 118 -1.11 24.13 -23.78
N LEU A 119 -0.85 22.84 -23.62
CA LEU A 119 -0.88 22.21 -22.30
C LEU A 119 -0.19 22.98 -21.19
N ASN A 120 1.03 23.45 -21.46
CA ASN A 120 1.79 24.20 -20.46
C ASN A 120 0.99 25.35 -19.88
N TYR A 121 0.00 25.82 -20.63
CA TYR A 121 -0.83 26.91 -20.15
C TYR A 121 -1.55 26.47 -18.88
N TYR A 122 -2.10 25.26 -18.94
CA TYR A 122 -2.84 24.71 -17.81
C TYR A 122 -1.95 24.23 -16.66
N ASN A 123 -0.72 23.85 -16.98
CA ASN A 123 0.21 23.41 -15.94
C ASN A 123 0.60 24.62 -15.10
N LYS A 124 0.93 25.72 -15.76
CA LYS A 124 1.30 26.94 -15.05
C LYS A 124 0.11 27.53 -14.31
N LEU A 125 -1.05 27.53 -14.96
CA LEU A 125 -2.25 28.06 -14.33
C LEU A 125 -2.60 27.31 -13.04
N PHE A 126 -2.52 25.98 -13.08
CA PHE A 126 -2.84 25.17 -11.91
C PHE A 126 -1.85 25.42 -10.77
N SER A 127 -0.56 25.27 -11.06
CA SER A 127 0.47 25.47 -10.05
C SER A 127 0.49 26.90 -9.52
N GLU A 128 -0.16 27.81 -10.23
CA GLU A 128 -0.20 29.19 -9.79
C GLU A 128 -1.49 29.58 -9.10
N THR A 129 -2.57 28.83 -9.35
CA THR A 129 -3.86 29.16 -8.75
C THR A 129 -4.36 28.12 -7.77
N ALA A 130 -3.94 26.87 -7.93
CA ALA A 130 -4.39 25.80 -7.05
C ALA A 130 -4.16 26.09 -5.57
N ASN A 131 -5.11 25.69 -4.74
CA ASN A 131 -4.97 25.86 -3.29
C ASN A 131 -4.00 24.74 -2.91
N LYS A 132 -2.79 25.10 -2.50
CA LYS A 132 -1.80 24.09 -2.14
C LYS A 132 -2.16 23.28 -0.90
N ASN A 133 -3.19 23.72 -0.18
CA ASN A 133 -3.65 23.00 0.99
C ASN A 133 -4.96 22.29 0.72
N GLU A 134 -5.31 22.17 -0.55
CA GLU A 134 -6.51 21.44 -0.89
C GLU A 134 -6.05 20.02 -1.26
N LEU A 135 -6.56 19.02 -0.55
CA LEU A 135 -6.21 17.64 -0.81
C LEU A 135 -7.32 16.97 -1.60
N TYR A 136 -7.00 15.83 -2.17
CA TYR A 136 -7.99 15.08 -2.92
C TYR A 136 -7.97 13.67 -2.38
N LEU A 137 -9.11 13.23 -1.87
CA LEU A 137 -9.22 11.89 -1.34
C LEU A 137 -9.18 10.89 -2.48
N THR A 138 -8.59 9.73 -2.24
CA THR A 138 -8.60 8.66 -3.22
C THR A 138 -8.95 7.45 -2.39
N ALA A 139 -9.42 6.40 -3.03
CA ALA A 139 -9.79 5.17 -2.34
C ALA A 139 -8.60 4.22 -2.23
N GLU A 140 -7.45 4.67 -2.68
CA GLU A 140 -6.24 3.85 -2.67
C GLU A 140 -5.61 3.73 -1.28
N LEU A 141 -5.59 2.52 -0.74
CA LEU A 141 -5.05 2.25 0.59
C LEU A 141 -3.53 2.06 0.59
N ALA A 142 -2.90 2.55 1.64
CA ALA A 142 -1.47 2.42 1.82
C ALA A 142 -1.23 2.04 3.26
N GLU A 143 -0.22 1.21 3.51
CA GLU A 143 0.10 0.83 4.87
C GLU A 143 1.02 1.92 5.42
N LEU A 144 0.72 2.41 6.62
CA LEU A 144 1.52 3.44 7.23
C LEU A 144 2.31 2.90 8.39
N GLN A 145 3.44 3.53 8.68
CA GLN A 145 4.27 3.14 9.80
C GLN A 145 4.23 4.28 10.79
N LEU A 146 3.96 3.95 12.04
CA LEU A 146 3.89 4.95 13.09
C LEU A 146 5.18 5.75 13.23
N PHE A 147 6.32 5.15 12.93
CA PHE A 147 7.56 5.90 13.05
C PHE A 147 7.67 7.03 12.02
N ASN A 148 6.70 7.12 11.11
CA ASN A 148 6.71 8.16 10.10
C ASN A 148 5.61 9.19 10.37
N PHE A 149 4.91 9.02 11.49
CA PHE A 149 3.82 9.92 11.86
C PHE A 149 4.33 11.32 12.18
N ILE A 150 3.68 12.33 11.61
CA ILE A 150 4.09 13.70 11.89
C ILE A 150 3.06 14.36 12.79
N ARG A 151 1.80 14.39 12.36
CA ARG A 151 0.76 14.99 13.19
C ARG A 151 -0.64 14.70 12.65
N VAL A 152 -1.63 14.92 13.50
CA VAL A 152 -3.02 14.72 13.09
C VAL A 152 -3.36 15.87 12.15
N ALA A 153 -3.97 15.55 11.02
CA ALA A 153 -4.36 16.55 10.05
C ALA A 153 -5.78 17.02 10.32
N ASN A 154 -6.03 18.30 10.10
CA ASN A 154 -7.37 18.85 10.29
C ASN A 154 -7.95 19.07 8.89
N VAL A 155 -8.70 18.08 8.44
CA VAL A 155 -9.31 18.12 7.12
C VAL A 155 -10.77 18.58 7.22
N MET A 156 -11.15 19.52 6.35
CA MET A 156 -12.50 20.07 6.35
C MET A 156 -12.99 20.30 4.93
N ASP A 157 -14.29 20.56 4.77
CA ASP A 157 -14.85 20.81 3.44
C ASP A 157 -14.62 22.24 2.99
N GLY A 158 -15.07 22.54 1.79
CA GLY A 158 -14.90 23.88 1.23
C GLY A 158 -15.49 25.02 2.05
N SER A 159 -16.69 24.83 2.58
CA SER A 159 -17.32 25.90 3.35
C SER A 159 -16.53 26.27 4.60
N LYS A 160 -16.19 25.28 5.42
CA LYS A 160 -15.42 25.56 6.63
C LYS A 160 -14.11 26.23 6.24
N TRP A 161 -13.53 25.80 5.13
CA TRP A 161 -12.27 26.37 4.67
C TRP A 161 -12.41 27.86 4.43
N GLU A 162 -13.51 28.25 3.76
CA GLU A 162 -13.76 29.67 3.50
C GLU A 162 -13.79 30.44 4.81
N VAL A 163 -14.45 29.88 5.82
CA VAL A 163 -14.56 30.50 7.13
C VAL A 163 -13.20 30.63 7.82
N LEU A 164 -12.41 29.57 7.74
CA LEU A 164 -11.10 29.53 8.38
C LEU A 164 -9.98 30.16 7.57
N LYS A 165 -10.22 30.32 6.27
CA LYS A 165 -9.24 30.87 5.35
C LYS A 165 -8.17 31.78 5.97
N GLY A 166 -8.58 32.83 6.66
CA GLY A 166 -7.62 33.73 7.26
C GLY A 166 -6.74 33.18 8.36
N ASN A 167 -7.14 32.08 8.98
CA ASN A 167 -6.37 31.49 10.07
C ASN A 167 -6.04 30.02 9.85
N VAL A 168 -5.30 29.72 8.79
CA VAL A 168 -4.97 28.32 8.53
C VAL A 168 -3.52 27.99 8.84
N ASP A 169 -3.32 26.84 9.48
CA ASP A 169 -1.98 26.37 9.78
C ASP A 169 -1.71 25.45 8.60
N PRO A 170 -0.95 25.95 7.60
CA PRO A 170 -0.59 25.24 6.38
C PRO A 170 0.04 23.86 6.50
N GLU A 171 0.35 23.43 7.72
CA GLU A 171 0.94 22.10 7.91
C GLU A 171 -0.01 21.17 8.64
N ARG A 172 -1.14 21.71 9.06
CA ARG A 172 -2.12 20.93 9.81
C ARG A 172 -3.54 21.03 9.24
N ASP A 173 -3.86 22.18 8.67
CA ASP A 173 -5.20 22.41 8.13
C ASP A 173 -5.28 22.24 6.63
N PHE A 174 -6.25 21.46 6.18
CA PHE A 174 -6.44 21.22 4.77
C PHE A 174 -7.92 21.17 4.44
N THR A 175 -8.22 21.29 3.15
CA THR A 175 -9.60 21.24 2.72
C THR A 175 -9.72 20.21 1.63
N VAL A 176 -10.84 19.51 1.62
CA VAL A 176 -11.09 18.48 0.61
C VAL A 176 -12.49 18.69 0.04
N ARG A 177 -12.58 18.71 -1.28
CA ARG A 177 -13.85 18.89 -1.96
C ARG A 177 -14.17 17.70 -2.83
N TYR A 178 -13.14 16.96 -3.24
CA TYR A 178 -13.36 15.81 -4.11
C TYR A 178 -12.63 14.54 -3.74
N ILE A 179 -13.04 13.47 -4.41
CA ILE A 179 -12.37 12.20 -4.30
C ILE A 179 -12.03 12.02 -5.78
N CYS A 180 -10.89 11.41 -6.09
CA CYS A 180 -10.54 11.20 -7.48
C CYS A 180 -9.69 9.97 -7.60
N GLU A 181 -9.39 9.58 -8.83
CA GLU A 181 -8.55 8.43 -9.08
C GLU A 181 -7.15 8.77 -8.60
N PRO A 182 -6.35 7.75 -8.25
CA PRO A 182 -4.99 8.00 -7.78
C PRO A 182 -4.18 8.79 -8.80
N THR A 183 -4.59 8.71 -10.06
CA THR A 183 -3.90 9.42 -11.14
C THR A 183 -4.19 10.93 -11.17
N GLY A 184 -5.01 11.39 -10.23
CA GLY A 184 -5.31 12.81 -10.18
C GLY A 184 -6.26 13.29 -11.27
N GLU A 185 -7.28 12.49 -11.56
CA GLU A 185 -8.28 12.84 -12.56
C GLU A 185 -9.59 12.18 -12.15
N LYS A 186 -10.70 12.62 -12.75
CA LYS A 186 -12.01 12.09 -12.43
C LYS A 186 -12.41 12.52 -11.04
N PHE A 187 -12.75 13.80 -10.90
CA PHE A 187 -13.13 14.37 -9.62
C PHE A 187 -14.63 14.26 -9.36
N VAL A 188 -14.97 13.90 -8.12
CA VAL A 188 -16.35 13.75 -7.70
C VAL A 188 -16.52 14.49 -6.37
N ASP A 189 -17.46 15.43 -6.32
CA ASP A 189 -17.70 16.20 -5.10
C ASP A 189 -18.10 15.29 -3.96
N ILE A 190 -17.53 15.53 -2.78
CA ILE A 190 -17.85 14.73 -1.61
C ILE A 190 -17.89 15.60 -0.37
N ASN A 191 -18.48 15.06 0.68
CA ASN A 191 -18.56 15.76 1.95
C ASN A 191 -17.60 14.98 2.85
N ILE A 192 -16.36 15.45 2.90
CA ILE A 192 -15.32 14.77 3.65
C ILE A 192 -15.70 14.39 5.08
N GLU A 193 -16.42 15.26 5.79
CA GLU A 193 -16.83 14.96 7.16
C GLU A 193 -17.66 13.69 7.20
N ASP A 194 -18.50 13.50 6.19
CA ASP A 194 -19.34 12.31 6.14
C ASP A 194 -18.56 11.09 5.71
N VAL A 195 -17.52 11.29 4.92
CA VAL A 195 -16.69 10.17 4.51
C VAL A 195 -16.07 9.63 5.80
N LYS A 196 -15.63 10.56 6.63
CA LYS A 196 -15.00 10.25 7.90
C LYS A 196 -15.93 9.42 8.80
N ALA A 197 -17.17 9.88 8.95
CA ALA A 197 -18.15 9.17 9.79
C ALA A 197 -18.44 7.80 9.22
N TYR A 198 -18.54 7.73 7.89
CA TYR A 198 -18.82 6.49 7.20
C TYR A 198 -17.67 5.48 7.36
N ILE A 199 -16.43 5.97 7.28
CA ILE A 199 -15.26 5.12 7.40
C ILE A 199 -15.19 4.38 8.75
N LYS A 200 -15.58 5.05 9.83
CA LYS A 200 -15.52 4.45 11.15
C LYS A 200 -16.81 3.73 11.54
N LYS A 201 -17.74 3.63 10.60
CA LYS A 201 -19.01 2.99 10.86
C LYS A 201 -19.14 1.63 10.18
N VAL A 202 -18.84 1.57 8.89
CA VAL A 202 -18.92 0.32 8.14
C VAL A 202 -17.59 -0.43 8.15
N GLU A 203 -17.62 -1.69 7.74
CA GLU A 203 -16.42 -2.52 7.71
C GLU A 203 -15.43 -1.97 6.68
N PRO A 204 -14.13 -2.12 6.95
CA PRO A 204 -13.02 -1.66 6.10
C PRO A 204 -13.16 -1.91 4.60
N ARG A 205 -13.19 -3.17 4.21
CA ARG A 205 -13.30 -3.50 2.78
C ARG A 205 -14.54 -2.91 2.12
N GLU A 206 -15.65 -2.86 2.86
CA GLU A 206 -16.89 -2.32 2.34
C GLU A 206 -16.76 -0.81 2.13
N ALA A 207 -16.13 -0.15 3.09
CA ALA A 207 -15.94 1.30 3.00
C ALA A 207 -15.03 1.68 1.83
N GLN A 208 -13.93 0.95 1.68
CA GLN A 208 -12.97 1.24 0.60
C GLN A 208 -13.58 0.97 -0.77
N GLU A 209 -14.32 -0.14 -0.88
CA GLU A 209 -14.96 -0.51 -2.14
C GLU A 209 -15.99 0.54 -2.56
N TYR A 210 -16.77 1.03 -1.60
CA TYR A 210 -17.76 2.05 -1.88
C TYR A 210 -17.02 3.29 -2.42
N LEU A 211 -15.96 3.69 -1.73
CA LEU A 211 -15.19 4.86 -2.15
C LEU A 211 -14.56 4.65 -3.52
N LYS A 212 -14.07 3.45 -3.78
CA LYS A 212 -13.45 3.13 -5.06
C LYS A 212 -14.41 3.26 -6.25
N ASP A 213 -15.67 2.88 -6.04
CA ASP A 213 -16.66 2.94 -7.10
C ASP A 213 -17.18 4.33 -7.41
N LEU A 214 -16.96 5.28 -6.50
CA LEU A 214 -17.46 6.63 -6.72
C LEU A 214 -16.92 7.34 -7.96
N THR A 215 -15.71 7.00 -8.38
CA THR A 215 -15.12 7.67 -9.52
C THR A 215 -15.12 6.91 -10.84
N LEU A 216 -15.68 5.71 -10.85
CA LEU A 216 -15.72 4.95 -12.09
C LEU A 216 -17.16 4.77 -12.57
N PRO A 217 -17.35 4.71 -13.90
CA PRO A 217 -18.69 4.55 -14.48
C PRO A 217 -19.42 3.30 -13.98
N MET B 2 21.29 25.71 -13.89
CA MET B 2 21.13 25.26 -12.47
C MET B 2 21.77 23.89 -12.24
N THR B 3 22.75 23.85 -11.36
CA THR B 3 23.44 22.60 -11.04
C THR B 3 22.57 21.81 -10.08
N MET B 4 22.06 20.67 -10.52
CA MET B 4 21.20 19.84 -9.68
C MET B 4 21.95 18.87 -8.76
N ALA B 5 21.56 18.85 -7.49
CA ALA B 5 22.18 17.99 -6.50
C ALA B 5 21.72 16.55 -6.69
N LYS B 6 22.68 15.63 -6.71
CA LYS B 6 22.40 14.22 -6.90
C LYS B 6 22.80 13.38 -5.68
N THR B 7 22.34 12.14 -5.68
CA THR B 7 22.64 11.17 -4.63
C THR B 7 23.13 9.95 -5.39
N LEU B 8 23.86 9.06 -4.73
CA LEU B 8 24.37 7.86 -5.39
C LEU B 8 23.27 7.08 -6.13
N LYS B 9 22.05 7.15 -5.60
CA LYS B 9 20.91 6.46 -6.20
C LYS B 9 20.73 6.89 -7.66
N ASP B 10 20.98 8.17 -7.92
CA ASP B 10 20.83 8.75 -9.25
C ASP B 10 21.80 8.18 -10.28
N LEU B 11 22.82 7.48 -9.82
CA LEU B 11 23.80 6.89 -10.73
C LEU B 11 23.28 5.58 -11.32
N GLN B 12 22.33 4.95 -10.63
CA GLN B 12 21.75 3.70 -11.11
C GLN B 12 20.90 3.95 -12.34
N GLY B 13 20.22 5.08 -12.34
CA GLY B 13 19.38 5.44 -13.46
C GLY B 13 18.44 4.37 -13.96
N TRP B 14 17.26 4.28 -13.36
CA TRP B 14 16.28 3.30 -13.80
C TRP B 14 15.61 3.89 -15.02
N GLU B 15 15.50 3.09 -16.07
CA GLU B 15 14.90 3.53 -17.32
C GLU B 15 13.50 2.97 -17.54
N ILE B 16 12.63 3.80 -18.11
CA ILE B 16 11.26 3.41 -18.42
C ILE B 16 11.21 2.93 -19.85
N ILE B 17 10.73 1.71 -20.04
CA ILE B 17 10.64 1.16 -21.38
C ILE B 17 9.19 0.83 -21.70
N THR B 18 8.64 1.49 -22.71
CA THR B 18 7.26 1.27 -23.13
C THR B 18 7.24 0.44 -24.41
N THR B 19 6.42 -0.60 -24.41
CA THR B 19 6.33 -1.47 -25.57
C THR B 19 4.87 -1.82 -25.85
N ASP B 20 4.59 -2.21 -27.09
CA ASP B 20 3.24 -2.59 -27.47
C ASP B 20 2.96 -3.94 -26.81
N GLU B 21 1.98 -4.69 -27.33
CA GLU B 21 1.66 -5.98 -26.75
C GLU B 21 2.74 -7.01 -27.11
N GLN B 22 3.90 -6.51 -27.55
CA GLN B 22 5.01 -7.36 -27.94
C GLN B 22 6.36 -6.73 -27.60
N GLY B 23 6.60 -5.52 -28.12
CA GLY B 23 7.84 -4.84 -27.86
C GLY B 23 7.90 -3.45 -28.47
N ASN B 24 9.05 -3.12 -29.05
CA ASN B 24 9.26 -1.82 -29.70
C ASN B 24 9.52 -0.68 -28.70
N ILE B 25 9.24 0.54 -29.14
CA ILE B 25 9.44 1.72 -28.29
C ILE B 25 8.15 2.54 -28.21
N THR B 40 -0.21 -0.44 -24.63
CA THR B 40 1.23 -0.43 -24.38
C THR B 40 1.55 -0.81 -22.93
N GLU B 41 2.71 -1.43 -22.74
CA GLU B 41 3.15 -1.86 -21.42
C GLU B 41 4.49 -1.22 -21.08
N HIS B 42 4.81 -1.16 -19.79
CA HIS B 42 6.07 -0.59 -19.34
C HIS B 42 6.88 -1.61 -18.56
N TYR B 43 8.19 -1.39 -18.55
CA TYR B 43 9.12 -2.24 -17.81
C TYR B 43 10.14 -1.24 -17.31
N LEU B 44 10.83 -1.59 -16.23
CA LEU B 44 11.86 -0.72 -15.71
C LEU B 44 13.18 -1.46 -15.89
N LYS B 45 14.18 -0.76 -16.40
CA LYS B 45 15.48 -1.35 -16.59
C LYS B 45 16.54 -0.48 -15.94
N ARG B 46 17.37 -1.09 -15.11
CA ARG B 46 18.42 -0.36 -14.42
C ARG B 46 19.66 -0.31 -15.33
N SER B 47 20.04 0.90 -15.73
CA SER B 47 21.18 1.09 -16.62
C SER B 47 22.49 0.49 -16.11
N SER B 48 22.73 0.59 -14.81
CA SER B 48 23.96 0.07 -14.23
C SER B 48 24.22 -1.43 -14.43
N ASP B 49 23.25 -2.28 -14.09
CA ASP B 49 23.44 -3.72 -14.25
C ASP B 49 22.49 -4.38 -15.22
N GLY B 50 21.59 -3.60 -15.82
CA GLY B 50 20.64 -4.14 -16.76
C GLY B 50 19.40 -4.82 -16.21
N ILE B 51 19.30 -4.93 -14.88
CA ILE B 51 18.13 -5.56 -14.26
C ILE B 51 16.84 -5.04 -14.88
N LYS B 52 15.95 -5.95 -15.25
CA LYS B 52 14.67 -5.58 -15.85
C LYS B 52 13.52 -6.00 -14.95
N LEU B 53 12.57 -5.09 -14.73
CA LEU B 53 11.42 -5.38 -13.88
C LEU B 53 10.11 -5.02 -14.56
N GLY B 54 9.16 -5.95 -14.51
CA GLY B 54 7.85 -5.73 -15.11
C GLY B 54 6.79 -6.57 -14.44
N ARG B 55 5.53 -6.36 -14.83
CA ARG B 55 4.43 -7.13 -14.26
C ARG B 55 4.80 -8.61 -14.25
N GLY B 56 4.37 -9.32 -13.20
CA GLY B 56 4.64 -10.74 -13.12
C GLY B 56 5.94 -11.11 -12.42
N ASP B 57 6.91 -10.20 -12.47
CA ASP B 57 8.20 -10.42 -11.83
C ASP B 57 8.10 -10.30 -10.32
N SER B 58 8.65 -11.26 -9.60
CA SER B 58 8.63 -11.20 -8.15
C SER B 58 9.95 -10.57 -7.71
N VAL B 59 9.90 -9.73 -6.69
CA VAL B 59 11.09 -9.05 -6.24
C VAL B 59 11.33 -9.06 -4.74
N VAL B 60 12.61 -9.10 -4.37
CA VAL B 60 13.03 -9.09 -2.98
C VAL B 60 13.32 -7.61 -2.68
N MET B 61 12.62 -7.07 -1.69
CA MET B 61 12.75 -5.66 -1.31
C MET B 61 13.13 -5.54 0.15
N HIS B 62 13.87 -4.50 0.48
CA HIS B 62 14.21 -4.30 1.88
C HIS B 62 12.97 -3.73 2.56
N ASN B 63 12.63 -4.26 3.73
CA ASN B 63 11.46 -3.78 4.46
C ASN B 63 11.93 -3.29 5.82
N GLU B 64 12.26 -2.00 5.92
CA GLU B 64 12.76 -1.45 7.16
C GLU B 64 11.78 -1.54 8.32
N ALA B 65 10.48 -1.56 8.02
CA ALA B 65 9.46 -1.68 9.06
C ALA B 65 9.57 -3.07 9.66
N ALA B 66 9.95 -4.04 8.84
CA ALA B 66 10.07 -5.41 9.31
C ALA B 66 11.49 -5.75 9.75
N GLY B 67 12.45 -4.90 9.41
CA GLY B 67 13.82 -5.18 9.81
C GLY B 67 14.40 -6.35 9.05
N THR B 68 13.82 -6.63 7.88
CA THR B 68 14.30 -7.72 7.03
C THR B 68 13.67 -7.50 5.67
N TYR B 69 13.83 -8.45 4.77
CA TYR B 69 13.25 -8.29 3.45
C TYR B 69 11.82 -8.77 3.35
N SER B 70 11.13 -8.33 2.31
CA SER B 70 9.77 -8.74 2.01
C SER B 70 9.80 -9.09 0.54
N VAL B 71 8.88 -9.94 0.10
CA VAL B 71 8.86 -10.30 -1.31
C VAL B 71 7.51 -9.93 -1.90
N TYR B 72 7.53 -9.46 -3.14
CA TYR B 72 6.31 -9.06 -3.83
C TYR B 72 6.34 -9.50 -5.28
N MET B 73 5.16 -9.46 -5.92
CA MET B 73 5.06 -9.76 -7.34
C MET B 73 4.56 -8.47 -7.97
N ILE B 74 5.40 -7.85 -8.77
CA ILE B 74 5.01 -6.60 -9.43
C ILE B 74 3.69 -6.84 -10.14
N GLN B 75 2.75 -5.93 -9.95
CA GLN B 75 1.43 -6.07 -10.56
C GLN B 75 1.04 -4.90 -11.45
N GLU B 76 1.74 -3.78 -11.30
CA GLU B 76 1.49 -2.63 -12.17
C GLU B 76 2.58 -1.59 -12.13
N LEU B 77 2.98 -1.15 -13.32
CA LEU B 77 3.96 -0.08 -13.47
C LEU B 77 3.14 1.09 -13.94
N ARG B 78 2.86 2.00 -13.00
CA ARG B 78 2.05 3.18 -13.29
C ARG B 78 2.94 4.34 -13.72
N LEU B 79 2.66 4.89 -14.90
CA LEU B 79 3.46 6.00 -15.42
C LEU B 79 2.69 7.30 -15.57
N ASN B 80 3.30 8.39 -15.12
CA ASN B 80 2.70 9.71 -15.26
C ASN B 80 3.45 10.37 -16.40
N THR B 81 2.89 10.29 -17.61
CA THR B 81 3.54 10.85 -18.79
C THR B 81 3.72 12.37 -18.78
N LEU B 82 3.34 13.02 -17.69
CA LEU B 82 3.48 14.46 -17.61
C LEU B 82 4.82 14.82 -16.96
N ASN B 83 5.35 13.90 -16.17
CA ASN B 83 6.61 14.14 -15.46
C ASN B 83 7.45 12.87 -15.31
N ASN B 84 7.04 11.80 -15.98
CA ASN B 84 7.77 10.53 -15.92
C ASN B 84 7.90 9.92 -14.53
N VAL B 85 7.11 10.39 -13.58
CA VAL B 85 7.14 9.82 -12.25
C VAL B 85 6.46 8.46 -12.34
N VAL B 86 7.11 7.43 -11.84
CA VAL B 86 6.56 6.09 -11.88
C VAL B 86 6.22 5.55 -10.49
N GLU B 87 5.19 4.73 -10.42
CA GLU B 87 4.79 4.10 -9.17
C GLU B 87 4.81 2.60 -9.44
N LEU B 88 5.51 1.87 -8.60
CA LEU B 88 5.62 0.43 -8.76
C LEU B 88 4.70 -0.23 -7.74
N TRP B 89 3.64 -0.88 -8.22
CA TRP B 89 2.71 -1.56 -7.34
C TRP B 89 2.91 -3.05 -7.45
N ALA B 90 2.76 -3.75 -6.32
CA ALA B 90 2.99 -5.18 -6.30
C ALA B 90 2.14 -5.96 -5.29
N LEU B 91 1.89 -7.23 -5.60
CA LEU B 91 1.14 -8.10 -4.71
C LEU B 91 2.10 -8.49 -3.60
N THR B 92 1.61 -8.49 -2.36
CA THR B 92 2.44 -8.82 -1.22
C THR B 92 2.45 -10.30 -0.90
N TYR B 93 3.65 -10.86 -0.75
CA TYR B 93 3.77 -12.26 -0.36
C TYR B 93 3.97 -12.24 1.13
N LEU B 94 3.54 -13.29 1.81
CA LEU B 94 3.75 -13.39 3.24
C LEU B 94 4.90 -14.35 3.38
N ARG B 95 5.75 -14.13 4.38
CA ARG B 95 6.84 -15.05 4.62
C ARG B 95 6.35 -15.96 5.73
N TRP B 96 7.06 -17.06 5.98
CA TRP B 96 6.63 -18.01 6.99
C TRP B 96 6.19 -17.41 8.32
N PHE B 97 6.96 -16.44 8.84
CA PHE B 97 6.64 -15.83 10.13
C PHE B 97 5.43 -14.93 10.16
N GLU B 98 4.68 -14.90 9.06
CA GLU B 98 3.48 -14.08 9.00
C GLU B 98 2.25 -14.96 8.89
N VAL B 99 2.47 -16.26 8.86
CA VAL B 99 1.38 -17.20 8.78
C VAL B 99 0.80 -17.37 10.17
N ASN B 100 -0.51 -17.56 10.26
CA ASN B 100 -1.16 -17.77 11.55
C ASN B 100 -0.97 -19.25 11.84
N PRO B 101 -0.06 -19.60 12.76
CA PRO B 101 0.21 -20.99 13.11
C PRO B 101 -1.06 -21.81 13.33
N LEU B 102 -1.92 -21.33 14.21
CA LEU B 102 -3.17 -22.03 14.52
C LEU B 102 -3.97 -22.32 13.25
N ALA B 103 -4.40 -21.26 12.57
CA ALA B 103 -5.19 -21.39 11.35
C ALA B 103 -4.54 -22.33 10.35
N HIS B 104 -3.24 -22.21 10.16
CA HIS B 104 -2.53 -23.07 9.20
C HIS B 104 -2.60 -24.52 9.67
N TYR B 105 -2.15 -24.77 10.90
CA TYR B 105 -2.21 -26.13 11.45
C TYR B 105 -3.63 -26.57 11.17
N ARG B 106 -4.55 -25.94 11.89
CA ARG B 106 -5.98 -26.20 11.80
C ARG B 106 -6.57 -26.43 10.39
N GLN B 107 -5.88 -26.00 9.35
CA GLN B 107 -6.40 -26.18 8.00
C GLN B 107 -5.82 -27.35 7.20
N PHE B 108 -4.52 -27.58 7.35
CA PHE B 108 -3.86 -28.64 6.58
C PHE B 108 -3.70 -30.03 7.20
N ASN B 109 -3.50 -30.09 8.52
CA ASN B 109 -3.33 -31.37 9.21
C ASN B 109 -4.61 -31.90 9.88
N PRO B 110 -5.38 -31.01 10.51
CA PRO B 110 -6.64 -31.18 11.23
C PRO B 110 -7.86 -31.99 10.78
N ASP B 111 -8.59 -32.29 11.84
CA ASP B 111 -9.84 -33.04 11.97
C ASP B 111 -9.36 -33.75 13.23
N ALA B 112 -8.47 -33.03 13.93
CA ALA B 112 -7.85 -33.41 15.19
C ALA B 112 -8.66 -32.70 16.25
N ASN B 113 -9.54 -33.45 16.90
CA ASN B 113 -10.42 -32.93 17.92
C ASN B 113 -9.79 -32.01 18.97
N ILE B 114 -8.47 -32.08 19.12
CA ILE B 114 -7.81 -31.26 20.14
C ILE B 114 -6.74 -30.23 19.70
N LEU B 115 -6.36 -29.39 20.65
CA LEU B 115 -5.34 -28.34 20.50
C LEU B 115 -4.58 -28.24 21.82
N ASN B 116 -3.32 -28.68 21.83
CA ASN B 116 -2.48 -28.63 23.02
C ASN B 116 -1.76 -27.27 23.10
N ARG B 117 -1.51 -26.77 24.32
CA ARG B 117 -0.83 -25.49 24.54
C ARG B 117 -0.85 -24.70 23.24
N PRO B 118 -2.01 -24.13 22.91
CA PRO B 118 -2.25 -23.34 21.68
C PRO B 118 -1.05 -22.60 21.14
N LEU B 119 -1.15 -21.28 21.16
CA LEU B 119 -0.11 -20.38 20.70
C LEU B 119 1.29 -20.99 20.62
N ASN B 120 1.92 -21.23 21.78
CA ASN B 120 3.26 -21.78 21.81
C ASN B 120 3.57 -23.09 21.07
N TYR B 121 2.69 -24.07 21.19
CA TYR B 121 2.92 -25.35 20.50
C TYR B 121 2.85 -25.16 18.99
N TYR B 122 1.96 -24.26 18.56
CA TYR B 122 1.78 -23.99 17.15
C TYR B 122 2.87 -23.11 16.56
N ASN B 123 3.28 -22.11 17.32
CA ASN B 123 4.33 -21.21 16.88
C ASN B 123 5.64 -21.96 16.75
N LYS B 124 5.93 -22.81 17.74
CA LYS B 124 7.15 -23.60 17.74
C LYS B 124 7.10 -24.71 16.69
N LEU B 125 5.95 -25.37 16.57
CA LEU B 125 5.82 -26.45 15.59
C LEU B 125 5.99 -25.93 14.16
N PHE B 126 5.18 -24.93 13.80
CA PHE B 126 5.24 -24.36 12.47
C PHE B 126 6.64 -23.88 12.11
N SER B 127 7.21 -23.02 12.94
CA SER B 127 8.54 -22.49 12.69
C SER B 127 9.59 -23.58 12.53
N GLU B 128 9.35 -24.73 13.14
CA GLU B 128 10.30 -25.82 13.05
C GLU B 128 10.05 -26.80 11.92
N THR B 129 8.85 -26.77 11.34
CA THR B 129 8.54 -27.68 10.26
C THR B 129 8.21 -26.98 8.94
N ALA B 130 7.98 -25.68 9.00
CA ALA B 130 7.65 -24.91 7.80
C ALA B 130 8.86 -24.65 6.92
N ASN B 131 8.62 -24.58 5.62
CA ASN B 131 9.69 -24.28 4.67
C ASN B 131 9.84 -22.76 4.75
N LYS B 132 10.93 -22.29 5.35
CA LYS B 132 11.13 -20.85 5.48
C LYS B 132 11.28 -20.14 4.15
N ASN B 133 11.37 -20.90 3.06
CA ASN B 133 11.48 -20.29 1.76
C ASN B 133 10.23 -20.47 0.94
N GLU B 134 9.15 -20.80 1.64
CA GLU B 134 7.87 -20.95 1.00
C GLU B 134 7.16 -19.64 1.29
N LEU B 135 6.72 -18.95 0.25
CA LEU B 135 6.02 -17.69 0.41
C LEU B 135 4.55 -17.97 0.18
N TYR B 136 3.72 -17.02 0.58
CA TYR B 136 2.30 -17.18 0.38
C TYR B 136 1.84 -15.91 -0.29
N LEU B 137 1.23 -16.05 -1.45
CA LEU B 137 0.75 -14.89 -2.17
C LEU B 137 -0.46 -14.33 -1.45
N THR B 138 -0.68 -13.02 -1.61
CA THR B 138 -1.86 -12.37 -1.08
C THR B 138 -2.22 -11.39 -2.18
N ALA B 139 -3.48 -10.96 -2.24
CA ALA B 139 -3.92 -10.04 -3.28
C ALA B 139 -3.76 -8.59 -2.83
N GLU B 140 -3.13 -8.40 -1.68
CA GLU B 140 -2.93 -7.08 -1.10
C GLU B 140 -1.80 -6.31 -1.76
N LEU B 141 -2.16 -5.22 -2.43
CA LEU B 141 -1.19 -4.39 -3.13
C LEU B 141 -0.43 -3.44 -2.22
N ALA B 142 0.84 -3.21 -2.55
CA ALA B 142 1.71 -2.30 -1.83
C ALA B 142 2.52 -1.57 -2.88
N GLU B 143 2.84 -0.30 -2.61
CA GLU B 143 3.64 0.50 -3.52
C GLU B 143 5.08 0.34 -3.08
N LEU B 144 5.95 0.00 -4.02
CA LEU B 144 7.34 -0.20 -3.71
C LEU B 144 8.19 0.94 -4.20
N GLN B 145 9.36 1.09 -3.61
CA GLN B 145 10.29 2.13 -4.02
C GLN B 145 11.54 1.43 -4.53
N LEU B 146 11.98 1.82 -5.72
CA LEU B 146 13.16 1.23 -6.33
C LEU B 146 14.40 1.32 -5.45
N PHE B 147 14.50 2.38 -4.65
CA PHE B 147 15.66 2.49 -3.79
C PHE B 147 15.70 1.40 -2.70
N ASN B 148 14.67 0.57 -2.65
CA ASN B 148 14.63 -0.51 -1.68
C ASN B 148 14.69 -1.87 -2.37
N PHE B 149 14.89 -1.86 -3.68
CA PHE B 149 14.99 -3.10 -4.44
C PHE B 149 16.27 -3.83 -4.05
N ILE B 150 16.19 -5.14 -3.87
CA ILE B 150 17.37 -5.91 -3.51
C ILE B 150 17.79 -6.82 -4.66
N ARG B 151 16.87 -7.66 -5.14
CA ARG B 151 17.17 -8.55 -6.25
C ARG B 151 15.88 -9.15 -6.78
N VAL B 152 15.96 -9.73 -7.97
CA VAL B 152 14.78 -10.36 -8.56
C VAL B 152 14.63 -11.71 -7.86
N ALA B 153 13.42 -12.02 -7.41
CA ALA B 153 13.19 -13.29 -6.74
C ALA B 153 12.83 -14.36 -7.77
N ASN B 154 13.17 -15.59 -7.44
CA ASN B 154 12.85 -16.72 -8.31
C ASN B 154 11.82 -17.54 -7.56
N VAL B 155 10.55 -17.29 -7.86
CA VAL B 155 9.44 -17.98 -7.21
C VAL B 155 8.89 -19.09 -8.13
N MET B 156 8.89 -20.31 -7.64
CA MET B 156 8.44 -21.47 -8.40
C MET B 156 7.40 -22.30 -7.67
N ASP B 157 6.73 -23.19 -8.40
CA ASP B 157 5.72 -24.04 -7.79
C ASP B 157 6.41 -25.16 -7.02
N GLY B 158 5.62 -25.97 -6.33
CA GLY B 158 6.17 -27.05 -5.53
C GLY B 158 6.97 -28.11 -6.26
N SER B 159 6.61 -28.41 -7.50
CA SER B 159 7.34 -29.43 -8.25
C SER B 159 8.76 -28.97 -8.56
N LYS B 160 8.90 -27.77 -9.14
CA LYS B 160 10.21 -27.26 -9.46
C LYS B 160 11.07 -27.15 -8.21
N TRP B 161 10.45 -26.80 -7.08
CA TRP B 161 11.19 -26.66 -5.83
C TRP B 161 11.82 -27.96 -5.35
N GLU B 162 11.09 -29.07 -5.46
CA GLU B 162 11.64 -30.36 -5.05
C GLU B 162 12.85 -30.70 -5.90
N VAL B 163 12.77 -30.36 -7.18
CA VAL B 163 13.87 -30.62 -8.10
C VAL B 163 15.10 -29.79 -7.73
N LEU B 164 14.85 -28.52 -7.42
CA LEU B 164 15.91 -27.59 -7.08
C LEU B 164 16.27 -27.68 -5.60
N LYS B 165 15.51 -28.48 -4.87
CA LYS B 165 15.69 -28.67 -3.43
C LYS B 165 17.10 -28.47 -2.86
N GLY B 166 18.02 -29.37 -3.19
CA GLY B 166 19.36 -29.27 -2.65
C GLY B 166 20.25 -28.14 -3.16
N ASN B 167 19.80 -27.40 -4.16
CA ASN B 167 20.61 -26.32 -4.71
C ASN B 167 19.91 -24.97 -4.69
N VAL B 168 19.42 -24.55 -3.54
CA VAL B 168 18.73 -23.28 -3.48
C VAL B 168 19.50 -22.14 -2.84
N ASP B 169 19.30 -20.95 -3.38
CA ASP B 169 19.92 -19.74 -2.86
C ASP B 169 18.84 -19.19 -1.91
N PRO B 170 19.07 -19.33 -0.59
CA PRO B 170 18.15 -18.88 0.45
C PRO B 170 17.55 -17.48 0.35
N GLU B 171 18.19 -16.57 -0.37
CA GLU B 171 17.62 -15.23 -0.47
C GLU B 171 17.18 -14.83 -1.88
N ARG B 172 17.05 -15.80 -2.77
CA ARG B 172 16.62 -15.54 -4.13
C ARG B 172 15.56 -16.53 -4.59
N ASP B 173 15.70 -17.77 -4.14
CA ASP B 173 14.81 -18.85 -4.52
C ASP B 173 13.70 -19.13 -3.52
N PHE B 174 12.47 -19.11 -4.00
CA PHE B 174 11.31 -19.36 -3.14
C PHE B 174 10.30 -20.21 -3.88
N THR B 175 9.45 -20.87 -3.11
CA THR B 175 8.40 -21.69 -3.68
C THR B 175 7.06 -21.21 -3.14
N VAL B 176 6.04 -21.25 -3.97
CA VAL B 176 4.72 -20.83 -3.58
C VAL B 176 3.69 -21.85 -4.03
N ARG B 177 2.78 -22.20 -3.14
CA ARG B 177 1.72 -23.14 -3.49
C ARG B 177 0.35 -22.64 -3.05
N TYR B 178 0.33 -21.57 -2.25
CA TYR B 178 -0.95 -21.03 -1.80
C TYR B 178 -1.04 -19.51 -1.84
N ILE B 179 -2.27 -19.04 -1.95
CA ILE B 179 -2.55 -17.61 -1.88
C ILE B 179 -3.36 -17.63 -0.60
N CYS B 180 -3.31 -16.57 0.18
CA CYS B 180 -4.08 -16.53 1.41
C CYS B 180 -4.38 -15.09 1.77
N GLU B 181 -5.10 -14.89 2.86
CA GLU B 181 -5.45 -13.56 3.33
C GLU B 181 -4.19 -12.93 3.94
N PRO B 182 -4.13 -11.58 3.96
CA PRO B 182 -2.96 -10.91 4.52
C PRO B 182 -2.71 -11.32 5.98
N THR B 183 -3.75 -11.81 6.66
CA THR B 183 -3.63 -12.23 8.05
C THR B 183 -3.00 -13.62 8.20
N GLY B 184 -2.55 -14.18 7.09
CA GLY B 184 -1.91 -15.49 7.12
C GLY B 184 -2.82 -16.66 7.41
N GLU B 185 -4.01 -16.64 6.82
CA GLU B 185 -4.98 -17.71 7.01
C GLU B 185 -5.81 -17.86 5.74
N LYS B 186 -6.54 -18.97 5.65
CA LYS B 186 -7.38 -19.27 4.50
C LYS B 186 -6.52 -19.48 3.26
N PHE B 187 -5.81 -20.61 3.23
CA PHE B 187 -4.93 -20.92 2.12
C PHE B 187 -5.64 -21.63 0.97
N VAL B 188 -5.47 -21.08 -0.23
CA VAL B 188 -6.07 -21.63 -1.44
C VAL B 188 -4.97 -21.99 -2.43
N ASP B 189 -5.04 -23.19 -2.98
CA ASP B 189 -4.02 -23.62 -3.93
C ASP B 189 -4.01 -22.74 -5.17
N ILE B 190 -2.81 -22.41 -5.62
CA ILE B 190 -2.63 -21.59 -6.80
C ILE B 190 -1.34 -22.05 -7.45
N ASN B 191 -1.17 -21.72 -8.72
CA ASN B 191 0.06 -22.06 -9.42
C ASN B 191 0.71 -20.71 -9.71
N ILE B 192 1.70 -20.37 -8.91
CA ILE B 192 2.39 -19.11 -9.04
C ILE B 192 2.81 -18.75 -10.47
N GLU B 193 3.19 -19.76 -11.26
CA GLU B 193 3.59 -19.53 -12.65
C GLU B 193 2.39 -19.05 -13.47
N ASP B 194 1.24 -19.67 -13.23
CA ASP B 194 0.01 -19.32 -13.93
C ASP B 194 -0.46 -17.94 -13.48
N VAL B 195 -0.25 -17.63 -12.20
CA VAL B 195 -0.64 -16.33 -11.67
C VAL B 195 0.22 -15.28 -12.38
N LYS B 196 1.48 -15.61 -12.58
CA LYS B 196 2.42 -14.72 -13.25
C LYS B 196 1.99 -14.40 -14.68
N ALA B 197 1.55 -15.42 -15.41
CA ALA B 197 1.11 -15.22 -16.78
C ALA B 197 -0.17 -14.39 -16.79
N TYR B 198 -1.07 -14.69 -15.87
CA TYR B 198 -2.35 -13.99 -15.74
C TYR B 198 -2.15 -12.50 -15.44
N ILE B 199 -1.27 -12.21 -14.49
CA ILE B 199 -0.99 -10.83 -14.10
C ILE B 199 -0.52 -9.93 -15.24
N LYS B 200 0.36 -10.44 -16.07
CA LYS B 200 0.88 -9.65 -17.20
C LYS B 200 -0.01 -9.78 -18.43
N LYS B 201 -1.18 -10.36 -18.24
CA LYS B 201 -2.10 -10.58 -19.35
C LYS B 201 -3.38 -9.74 -19.23
N VAL B 202 -3.98 -9.72 -18.05
CA VAL B 202 -5.21 -8.96 -17.85
C VAL B 202 -4.96 -7.61 -17.16
N GLU B 203 -6.01 -6.79 -17.10
CA GLU B 203 -5.91 -5.48 -16.47
C GLU B 203 -5.56 -5.62 -14.99
N PRO B 204 -4.72 -4.71 -14.47
CA PRO B 204 -4.30 -4.71 -13.07
C PRO B 204 -5.43 -4.87 -12.06
N ARG B 205 -6.40 -3.97 -12.11
CA ARG B 205 -7.52 -4.04 -11.19
C ARG B 205 -8.27 -5.35 -11.30
N GLU B 206 -8.49 -5.79 -12.54
CA GLU B 206 -9.20 -7.03 -12.80
C GLU B 206 -8.45 -8.21 -12.18
N ALA B 207 -7.14 -8.24 -12.39
CA ALA B 207 -6.30 -9.30 -11.85
C ALA B 207 -6.34 -9.30 -10.32
N GLN B 208 -6.16 -8.13 -9.73
CA GLN B 208 -6.15 -7.97 -8.28
C GLN B 208 -7.46 -8.42 -7.65
N GLU B 209 -8.57 -7.97 -8.22
CA GLU B 209 -9.88 -8.31 -7.72
C GLU B 209 -10.13 -9.82 -7.78
N TYR B 210 -9.66 -10.44 -8.86
CA TYR B 210 -9.82 -11.88 -9.02
C TYR B 210 -9.08 -12.63 -7.93
N LEU B 211 -7.82 -12.28 -7.74
CA LEU B 211 -6.98 -12.92 -6.74
C LEU B 211 -7.57 -12.71 -5.35
N LYS B 212 -8.13 -11.53 -5.13
CA LYS B 212 -8.72 -11.20 -3.85
C LYS B 212 -9.90 -12.12 -3.52
N ASP B 213 -10.74 -12.40 -4.50
CA ASP B 213 -11.89 -13.25 -4.27
C ASP B 213 -11.55 -14.71 -4.05
N LEU B 214 -10.38 -15.14 -4.51
CA LEU B 214 -9.99 -16.54 -4.37
C LEU B 214 -10.05 -17.05 -2.94
N THR B 215 -9.99 -16.15 -1.97
CA THR B 215 -10.02 -16.55 -0.57
C THR B 215 -11.32 -16.14 0.13
N LEU B 216 -12.27 -15.66 -0.63
CA LEU B 216 -13.54 -15.23 -0.05
C LEU B 216 -14.66 -16.20 -0.39
N PRO B 217 -15.68 -16.26 0.48
CA PRO B 217 -16.83 -17.15 0.27
C PRO B 217 -17.57 -16.80 -1.02
N SER B 218 -17.84 -17.83 -1.82
CA SER B 218 -18.54 -17.67 -3.08
C SER B 218 -18.40 -18.95 -3.90
#